data_3UV3
#
_entry.id   3UV3
#
_cell.length_a   70.230
_cell.length_b   80.400
_cell.length_c   111.950
_cell.angle_alpha   90.00
_cell.angle_beta   90.00
_cell.angle_gamma   90.00
#
_symmetry.space_group_name_H-M   'P 21 21 21'
#
loop_
_entity.id
_entity.type
_entity.pdbx_description
1 polymer '4-hydroxy-3-methylbut-2-enyl diphosphate reductase'
2 non-polymer 'IRON/SULFUR CLUSTER'
3 non-polymer 'but-2-yn-1-yl trihydrogen diphosphate'
4 water water
#
_entity_poly.entity_id   1
_entity_poly.type   'polypeptide(L)'
_entity_poly.pdbx_seq_one_letter_code
;HHHHHHGSMQILLANPRGFCAGVDRAISIVENALAIYGAPIYVRHEVVHNRYVVDSLRERGAIFIEQISEVPDGAILIFS
AHGVSQAVRNEAKSRDLTVFDATCPLVTKVHMEVARASRRGEESILIGHAGHPEVEGTMGQYSNPEGGMYLVESPDDVWK
LTVKNEEKLSFMTQTTLSVDDTSDVIDALRKRFPKIVGPRKDDICYATTNRQEAVRALAEQAEVVLVVGSKNSSNSNRLA
ELAQRMGKRAFLIDDAKDIQEEWVKEVKCVGVTAGASAPDILVQNVVARLQQLGGGEAIPLEGREENIVFEVPKELRVDI
REVD
;
_entity_poly.pdbx_strand_id   A,B
#
loop_
_chem_comp.id
_chem_comp.type
_chem_comp.name
_chem_comp.formula
0CM non-polymer 'but-2-yn-1-yl trihydrogen diphosphate' 'C4 H8 O7 P2'
SF4 non-polymer 'IRON/SULFUR CLUSTER' 'Fe4 S4'
#
# COMPACT_ATOMS: atom_id res chain seq x y z
N MET A 9 -21.89 -29.99 -14.84
CA MET A 9 -20.50 -29.47 -14.62
C MET A 9 -20.49 -28.35 -13.57
N GLN A 10 -19.59 -28.45 -12.59
CA GLN A 10 -19.49 -27.44 -11.55
C GLN A 10 -18.60 -26.24 -12.05
N ILE A 11 -19.06 -25.01 -11.78
CA ILE A 11 -18.25 -23.77 -12.11
C ILE A 11 -17.77 -23.17 -10.80
N LEU A 12 -16.44 -23.04 -10.68
CA LEU A 12 -15.83 -22.43 -9.46
C LEU A 12 -15.22 -21.10 -9.90
N LEU A 13 -15.37 -20.08 -9.04
CA LEU A 13 -14.76 -18.80 -9.29
C LEU A 13 -13.61 -18.52 -8.31
N ALA A 14 -12.46 -18.14 -8.83
CA ALA A 14 -11.31 -17.76 -7.96
C ALA A 14 -11.60 -16.47 -7.23
N ASN A 15 -10.99 -16.39 -6.06
CA ASN A 15 -11.10 -15.25 -5.19
C ASN A 15 -9.86 -14.93 -4.41
N PRO A 16 -9.25 -13.72 -4.64
CA PRO A 16 -9.70 -12.58 -5.53
C PRO A 16 -9.43 -12.82 -7.02
N ARG A 17 -10.18 -12.11 -7.84
CA ARG A 17 -10.02 -12.13 -9.30
C ARG A 17 -10.38 -10.73 -9.78
N GLY A 18 -10.00 -10.43 -11.00
CA GLY A 18 -10.51 -9.24 -11.69
C GLY A 18 -9.82 -7.98 -11.09
N PHE A 19 -10.51 -6.87 -11.23
CA PHE A 19 -9.85 -5.52 -11.07
C PHE A 19 -9.07 -5.32 -9.81
N CYS A 20 -7.83 -4.82 -9.95
CA CYS A 20 -7.09 -4.34 -8.78
C CYS A 20 -7.35 -2.84 -8.59
N ALA A 21 -6.70 -2.25 -7.60
CA ALA A 21 -6.98 -0.81 -7.27
C ALA A 21 -6.39 0.12 -8.29
N GLY A 22 -5.21 -0.27 -8.85
CA GLY A 22 -4.54 0.65 -9.79
C GLY A 22 -5.31 0.71 -11.10
N VAL A 23 -5.86 -0.45 -11.49
CA VAL A 23 -6.59 -0.56 -12.79
C VAL A 23 -7.94 0.22 -12.63
N ASP A 24 -8.63 0.06 -11.50
CA ASP A 24 -9.93 0.76 -11.36
C ASP A 24 -9.64 2.28 -11.38
N ARG A 25 -8.63 2.73 -10.65
CA ARG A 25 -8.24 4.14 -10.67
C ARG A 25 -7.92 4.65 -12.08
N ALA A 26 -7.10 3.90 -12.84
CA ALA A 26 -6.65 4.36 -14.16
C ALA A 26 -7.88 4.52 -15.11
N ILE A 27 -8.76 3.51 -15.10
CA ILE A 27 -9.97 3.58 -15.94
C ILE A 27 -10.82 4.78 -15.57
N SER A 28 -10.94 5.04 -14.29
CA SER A 28 -11.76 6.14 -13.82
C SER A 28 -11.14 7.45 -14.21
N ILE A 29 -9.82 7.49 -14.27
CA ILE A 29 -9.09 8.71 -14.66
C ILE A 29 -9.47 9.07 -16.12
N VAL A 30 -9.49 8.09 -17.02
CA VAL A 30 -9.81 8.35 -18.46
C VAL A 30 -11.32 8.66 -18.58
N GLU A 31 -12.18 7.88 -17.93
CA GLU A 31 -13.62 8.18 -18.03
C GLU A 31 -13.93 9.57 -17.52
N ASN A 32 -13.35 9.92 -16.36
CA ASN A 32 -13.63 11.25 -15.79
C ASN A 32 -13.09 12.36 -16.66
N ALA A 33 -11.90 12.16 -17.26
CA ALA A 33 -11.36 13.13 -18.23
C ALA A 33 -12.34 13.30 -19.38
N LEU A 34 -12.86 12.19 -19.94
CA LEU A 34 -13.83 12.27 -21.00
C LEU A 34 -15.07 13.10 -20.57
N ALA A 35 -15.52 12.90 -19.32
CA ALA A 35 -16.76 13.52 -18.83
C ALA A 35 -16.54 14.97 -18.52
N ILE A 36 -15.33 15.29 -18.07
CA ILE A 36 -15.03 16.69 -17.72
C ILE A 36 -14.77 17.54 -18.97
N TYR A 37 -13.96 17.01 -19.89
CA TYR A 37 -13.42 17.77 -21.03
C TYR A 37 -13.97 17.41 -22.39
N GLY A 38 -14.72 16.33 -22.51
CA GLY A 38 -15.18 15.84 -23.83
C GLY A 38 -14.10 15.10 -24.60
N ALA A 39 -14.52 14.44 -25.68
CA ALA A 39 -13.61 13.84 -26.62
C ALA A 39 -12.93 14.92 -27.48
N PRO A 40 -11.72 14.64 -27.96
CA PRO A 40 -10.93 13.43 -27.66
C PRO A 40 -10.10 13.64 -26.39
N ILE A 41 -9.75 12.52 -25.76
CA ILE A 41 -8.72 12.48 -24.70
C ILE A 41 -7.67 11.49 -25.21
N TYR A 42 -6.43 11.94 -25.32
CA TYR A 42 -5.37 11.07 -25.76
C TYR A 42 -4.80 10.28 -24.59
N VAL A 43 -4.49 9.01 -24.86
CA VAL A 43 -3.93 8.11 -23.84
C VAL A 43 -2.66 7.44 -24.39
N ARG A 44 -1.58 7.60 -23.64
CA ARG A 44 -0.33 7.01 -24.08
C ARG A 44 -0.28 5.52 -23.65
N HIS A 45 -0.40 4.65 -24.65
CA HIS A 45 -0.51 3.21 -24.47
C HIS A 45 -1.91 2.82 -24.06
N GLU A 46 -2.29 1.56 -24.30
CA GLU A 46 -3.50 1.00 -23.65
C GLU A 46 -3.53 1.37 -22.16
N VAL A 47 -4.67 1.95 -21.68
CA VAL A 47 -4.65 2.49 -20.32
C VAL A 47 -4.34 1.31 -19.36
N VAL A 48 -4.91 0.16 -19.69
CA VAL A 48 -4.61 -1.16 -19.01
C VAL A 48 -4.70 -2.14 -20.15
N HIS A 49 -4.09 -3.30 -19.98
CA HIS A 49 -4.06 -4.30 -21.11
C HIS A 49 -5.31 -5.17 -21.16
N ASN A 50 -6.44 -4.54 -21.53
CA ASN A 50 -7.68 -5.27 -21.75
C ASN A 50 -8.38 -4.67 -22.97
N ARG A 51 -8.56 -5.53 -23.95
CA ARG A 51 -9.17 -5.17 -25.25
C ARG A 51 -10.60 -4.60 -25.05
N TYR A 52 -11.40 -5.20 -24.14
CA TYR A 52 -12.78 -4.67 -23.93
C TYR A 52 -12.72 -3.26 -23.29
N VAL A 53 -11.87 -3.06 -22.26
CA VAL A 53 -11.72 -1.75 -21.66
C VAL A 53 -11.30 -0.71 -22.68
N VAL A 54 -10.26 -1.04 -23.46
CA VAL A 54 -9.66 -0.12 -24.47
C VAL A 54 -10.70 0.17 -25.58
N ASP A 55 -11.41 -0.85 -26.08
CA ASP A 55 -12.43 -0.61 -27.12
C ASP A 55 -13.53 0.26 -26.57
N SER A 56 -13.91 0.06 -25.30
CA SER A 56 -14.99 0.82 -24.64
C SER A 56 -14.64 2.29 -24.60
N LEU A 57 -13.43 2.57 -24.17
CA LEU A 57 -12.97 3.94 -24.06
C LEU A 57 -12.81 4.54 -25.48
N ARG A 58 -12.32 3.77 -26.45
CA ARG A 58 -12.15 4.30 -27.81
C ARG A 58 -13.53 4.71 -28.37
N GLU A 59 -14.55 3.87 -28.13
CA GLU A 59 -15.90 4.11 -28.67
C GLU A 59 -16.46 5.41 -28.03
N ARG A 60 -15.99 5.73 -26.83
CA ARG A 60 -16.36 7.00 -26.18
C ARG A 60 -15.46 8.17 -26.47
N GLY A 61 -14.47 8.02 -27.37
CA GLY A 61 -13.59 9.16 -27.72
C GLY A 61 -12.14 9.23 -27.23
N ALA A 62 -11.70 8.19 -26.52
CA ALA A 62 -10.28 8.13 -26.12
C ALA A 62 -9.52 7.68 -27.32
N ILE A 63 -8.36 8.31 -27.54
CA ILE A 63 -7.50 7.91 -28.64
C ILE A 63 -6.19 7.42 -28.06
N PHE A 64 -5.87 6.14 -28.27
CA PHE A 64 -4.66 5.51 -27.72
C PHE A 64 -3.50 5.59 -28.71
N ILE A 65 -2.38 6.13 -28.25
CA ILE A 65 -1.19 6.32 -29.08
C ILE A 65 0.04 5.66 -28.46
N GLU A 66 1.10 5.40 -29.24
CA GLU A 66 2.30 4.87 -28.56
C GLU A 66 3.34 5.96 -28.25
N GLN A 67 3.36 7.00 -29.08
CA GLN A 67 4.41 8.04 -29.06
C GLN A 67 3.78 9.46 -28.95
N ILE A 68 4.40 10.31 -28.16
CA ILE A 68 3.88 11.69 -27.92
C ILE A 68 3.80 12.48 -29.23
N SER A 69 4.65 12.11 -30.21
CA SER A 69 4.58 12.74 -31.53
C SER A 69 3.27 12.48 -32.27
N GLU A 70 2.49 11.50 -31.81
CA GLU A 70 1.12 11.27 -32.35
C GLU A 70 0.08 12.19 -31.70
N VAL A 71 0.46 12.97 -30.67
CA VAL A 71 -0.56 13.78 -29.94
C VAL A 71 -0.50 15.22 -30.45
N PRO A 72 -1.64 15.82 -30.81
CA PRO A 72 -1.61 17.22 -31.20
C PRO A 72 -1.28 18.17 -30.07
N ASP A 73 -0.72 19.35 -30.44
CA ASP A 73 -0.59 20.49 -29.50
C ASP A 73 -1.94 20.87 -28.90
N GLY A 74 -1.95 21.21 -27.61
CA GLY A 74 -3.14 21.64 -26.84
C GLY A 74 -4.01 20.50 -26.30
N ALA A 75 -3.60 19.26 -26.57
CA ALA A 75 -4.43 18.10 -26.27
C ALA A 75 -4.27 17.75 -24.81
N ILE A 76 -5.23 16.98 -24.29
CA ILE A 76 -5.14 16.35 -22.95
C ILE A 76 -4.57 14.97 -23.19
N LEU A 77 -3.54 14.64 -22.42
CA LEU A 77 -2.83 13.34 -22.57
C LEU A 77 -2.82 12.66 -21.25
N ILE A 78 -3.19 11.37 -21.21
CA ILE A 78 -3.11 10.61 -19.97
C ILE A 78 -2.03 9.52 -20.11
N PHE A 79 -1.16 9.36 -19.12
CA PHE A 79 -0.18 8.27 -19.14
C PHE A 79 -0.91 7.00 -18.64
N SER A 80 -0.61 5.85 -19.26
CA SER A 80 -1.32 4.60 -18.85
C SER A 80 -0.92 4.17 -17.46
N ALA A 81 -1.63 3.20 -16.90
CA ALA A 81 -1.37 2.71 -15.53
C ALA A 81 0.02 2.08 -15.38
N HIS A 82 0.64 1.65 -16.50
CA HIS A 82 1.94 0.98 -16.43
C HIS A 82 3.09 1.90 -16.24
N GLY A 83 2.81 3.20 -16.39
CA GLY A 83 3.86 4.28 -16.17
C GLY A 83 4.68 4.62 -17.43
N VAL A 84 5.54 5.63 -17.31
CA VAL A 84 6.32 6.08 -18.48
C VAL A 84 7.68 6.49 -18.03
N SER A 85 8.58 6.50 -18.98
CA SER A 85 9.99 6.86 -18.73
C SER A 85 10.05 8.39 -18.48
N GLN A 86 11.12 8.86 -17.82
CA GLN A 86 11.43 10.27 -17.75
C GLN A 86 11.46 10.94 -19.14
N ALA A 87 12.03 10.29 -20.16
CA ALA A 87 12.10 10.86 -21.49
C ALA A 87 10.70 11.12 -22.04
N VAL A 88 9.79 10.18 -21.85
CA VAL A 88 8.43 10.37 -22.33
C VAL A 88 7.77 11.54 -21.55
N ARG A 89 7.94 11.55 -20.23
CA ARG A 89 7.36 12.59 -19.38
C ARG A 89 7.94 13.91 -19.77
N ASN A 90 9.27 13.96 -20.02
CA ASN A 90 9.90 15.24 -20.47
C ASN A 90 9.41 15.68 -21.85
N GLU A 91 9.19 14.73 -22.75
CA GLU A 91 8.69 15.05 -24.08
C GLU A 91 7.29 15.66 -24.02
N ALA A 92 6.39 15.06 -23.21
CA ALA A 92 5.05 15.64 -22.96
C ALA A 92 5.19 17.01 -22.29
N LYS A 93 6.08 17.15 -21.30
CA LYS A 93 6.32 18.44 -20.56
C LYS A 93 6.83 19.59 -21.47
N SER A 94 7.68 19.26 -22.44
CA SER A 94 8.26 20.24 -23.35
C SER A 94 7.25 20.61 -24.44
N ARG A 95 6.16 19.84 -24.51
CA ARG A 95 5.08 20.10 -25.50
C ARG A 95 3.90 20.87 -24.89
N ASP A 96 2.97 21.29 -25.72
CA ASP A 96 1.81 22.09 -25.31
C ASP A 96 0.76 21.30 -24.42
N LEU A 97 1.10 20.10 -23.91
CA LEU A 97 0.09 19.13 -23.46
C LEU A 97 -0.42 19.33 -22.01
N THR A 98 -1.74 19.21 -21.79
CA THR A 98 -2.26 19.04 -20.40
C THR A 98 -2.19 17.55 -20.05
N VAL A 99 -1.46 17.22 -18.98
CA VAL A 99 -1.15 15.87 -18.68
C VAL A 99 -1.80 15.40 -17.37
N PHE A 100 -2.42 14.22 -17.39
CA PHE A 100 -2.83 13.49 -16.17
C PHE A 100 -2.11 12.17 -16.15
N ASP A 101 -1.71 11.74 -14.97
CA ASP A 101 -0.90 10.56 -14.89
C ASP A 101 -1.74 9.42 -14.25
N ALA A 102 -2.03 8.38 -15.02
CA ALA A 102 -2.76 7.27 -14.37
C ALA A 102 -1.84 6.17 -13.88
N THR A 103 -0.49 6.40 -13.81
CA THR A 103 0.43 5.37 -13.32
C THR A 103 -0.03 4.82 -11.95
N CYS A 104 -0.04 3.48 -11.77
CA CYS A 104 -0.48 2.93 -10.47
C CYS A 104 0.54 3.49 -9.41
N PRO A 105 0.05 3.83 -8.19
CA PRO A 105 0.95 4.24 -7.10
C PRO A 105 2.00 3.16 -6.81
N LEU A 106 1.65 1.86 -7.00
CA LEU A 106 2.62 0.76 -6.70
C LEU A 106 3.70 0.59 -7.79
N VAL A 107 3.43 1.09 -9.01
CA VAL A 107 4.52 1.25 -10.00
C VAL A 107 5.37 2.48 -9.69
N THR A 108 4.71 3.61 -9.37
CA THR A 108 5.53 4.82 -8.97
C THR A 108 6.46 4.53 -7.78
N LYS A 109 6.04 3.68 -6.85
CA LYS A 109 6.93 3.36 -5.73
C LYS A 109 8.25 2.78 -6.27
N VAL A 110 8.16 1.89 -7.27
CA VAL A 110 9.39 1.27 -7.81
C VAL A 110 10.23 2.38 -8.50
N HIS A 111 9.55 3.29 -9.20
CA HIS A 111 10.23 4.33 -10.03
C HIS A 111 11.05 5.20 -9.06
N MET A 112 10.52 5.43 -7.85
CA MET A 112 11.23 6.35 -6.93
C MET A 112 12.50 5.69 -6.46
N GLU A 113 12.49 4.36 -6.29
CA GLU A 113 13.75 3.65 -5.92
C GLU A 113 14.78 3.68 -7.04
N VAL A 114 14.35 3.51 -8.30
CA VAL A 114 15.27 3.56 -9.39
C VAL A 114 15.85 4.98 -9.48
N ALA A 115 15.01 6.03 -9.34
CA ALA A 115 15.49 7.45 -9.32
C ALA A 115 16.53 7.64 -8.23
N ARG A 116 16.28 7.03 -7.08
CA ARG A 116 17.20 7.22 -5.94
C ARG A 116 18.57 6.64 -6.29
N ALA A 117 18.58 5.44 -6.84
CA ALA A 117 19.83 4.78 -7.22
C ALA A 117 20.57 5.58 -8.32
N SER A 118 19.81 6.11 -9.29
CA SER A 118 20.38 6.91 -10.38
C SER A 118 21.10 8.13 -9.79
N ARG A 119 20.43 8.88 -8.91
CA ARG A 119 21.04 10.04 -8.24
C ARG A 119 22.34 9.69 -7.49
N ARG A 120 22.42 8.50 -6.94
CA ARG A 120 23.61 8.04 -6.22
C ARG A 120 24.72 7.55 -7.13
N GLY A 121 24.40 7.39 -8.41
CA GLY A 121 25.27 6.74 -9.38
C GLY A 121 25.56 5.27 -9.11
N GLU A 122 24.68 4.60 -8.37
CA GLU A 122 24.81 3.20 -8.02
C GLU A 122 23.97 2.40 -8.96
N GLU A 123 24.53 1.30 -9.42
CA GLU A 123 23.87 0.47 -10.48
C GLU A 123 22.68 -0.26 -9.89
N SER A 124 21.65 -0.42 -10.71
CA SER A 124 20.42 -1.19 -10.43
C SER A 124 20.14 -2.27 -11.48
N ILE A 125 19.48 -3.33 -11.02
CA ILE A 125 19.05 -4.44 -11.84
C ILE A 125 17.56 -4.53 -11.69
N LEU A 126 16.86 -4.49 -12.83
CA LEU A 126 15.38 -4.72 -12.76
C LEU A 126 15.10 -6.15 -13.22
N ILE A 127 14.23 -6.87 -12.48
CA ILE A 127 13.74 -8.17 -12.96
C ILE A 127 12.43 -7.94 -13.67
N GLY A 128 12.35 -8.31 -14.96
CA GLY A 128 11.04 -8.00 -15.64
C GLY A 128 11.14 -8.50 -17.03
N HIS A 129 10.08 -8.27 -17.80
CA HIS A 129 9.95 -8.86 -19.16
C HIS A 129 10.32 -7.81 -20.18
N ALA A 130 11.37 -8.08 -21.00
CA ALA A 130 11.70 -7.13 -22.09
C ALA A 130 10.50 -6.69 -22.92
N GLY A 131 10.46 -5.37 -23.22
CA GLY A 131 9.46 -4.71 -24.11
C GLY A 131 8.11 -4.46 -23.43
N HIS A 132 7.96 -4.91 -22.16
CA HIS A 132 6.72 -4.58 -21.49
C HIS A 132 6.71 -3.10 -21.12
N PRO A 133 5.57 -2.39 -21.24
CA PRO A 133 5.62 -0.94 -20.97
C PRO A 133 6.06 -0.59 -19.55
N GLU A 134 5.75 -1.42 -18.54
CA GLU A 134 6.18 -1.09 -17.22
C GLU A 134 7.70 -1.13 -17.14
N VAL A 135 8.33 -2.13 -17.74
CA VAL A 135 9.79 -2.23 -17.72
C VAL A 135 10.37 -1.01 -18.46
N GLU A 136 9.77 -0.61 -19.60
CA GLU A 136 10.28 0.62 -20.28
C GLU A 136 10.24 1.83 -19.39
N GLY A 137 9.13 1.98 -18.67
CA GLY A 137 8.98 3.12 -17.78
C GLY A 137 9.94 3.08 -16.60
N THR A 138 10.14 1.86 -16.01
CA THR A 138 10.91 1.78 -14.84
C THR A 138 12.41 1.93 -15.20
N MET A 139 12.87 1.22 -16.24
CA MET A 139 14.28 1.38 -16.70
C MET A 139 14.51 2.86 -17.05
N GLY A 140 13.44 3.48 -17.54
CA GLY A 140 13.48 4.86 -17.99
C GLY A 140 13.53 5.89 -16.87
N GLN A 141 13.56 5.47 -15.60
CA GLN A 141 13.81 6.41 -14.52
C GLN A 141 15.30 6.49 -14.25
N TYR A 142 16.12 5.64 -14.88
CA TYR A 142 17.57 5.68 -14.57
C TYR A 142 18.28 6.53 -15.59
N SER A 143 18.97 7.62 -15.21
CA SER A 143 19.62 8.44 -16.26
C SER A 143 21.12 8.64 -16.08
N ASN A 144 21.64 8.32 -14.90
CA ASN A 144 23.05 8.59 -14.57
C ASN A 144 24.03 7.74 -15.36
N PRO A 145 24.78 8.33 -16.34
CA PRO A 145 25.72 7.56 -17.18
C PRO A 145 26.85 6.94 -16.38
N GLU A 146 27.06 7.44 -15.17
CA GLU A 146 28.09 6.85 -14.32
C GLU A 146 27.73 5.57 -13.60
N GLY A 147 26.44 5.28 -13.50
CA GLY A 147 25.98 4.04 -12.87
C GLY A 147 25.61 3.08 -13.98
N GLY A 148 24.44 2.46 -13.88
CA GLY A 148 24.01 1.55 -14.95
C GLY A 148 22.67 0.99 -14.53
N MET A 149 21.94 0.55 -15.51
CA MET A 149 20.59 -0.03 -15.30
C MET A 149 20.45 -1.21 -16.20
N TYR A 150 20.24 -2.37 -15.61
CA TYR A 150 20.28 -3.60 -16.34
C TYR A 150 18.96 -4.34 -16.15
N LEU A 151 18.55 -5.04 -17.18
CA LEU A 151 17.36 -5.88 -17.09
C LEU A 151 17.75 -7.34 -17.07
N VAL A 152 17.15 -8.14 -16.17
CA VAL A 152 17.26 -9.57 -16.20
C VAL A 152 15.89 -10.23 -16.20
N GLU A 153 15.73 -11.37 -16.86
CA GLU A 153 14.40 -12.02 -16.92
C GLU A 153 14.48 -13.38 -16.28
N SER A 154 15.68 -13.98 -16.15
CA SER A 154 15.77 -15.40 -15.77
C SER A 154 17.06 -15.57 -14.97
N PRO A 155 17.25 -16.75 -14.29
CA PRO A 155 18.59 -16.96 -13.69
C PRO A 155 19.67 -16.96 -14.73
N ASP A 156 19.42 -17.50 -15.92
CA ASP A 156 20.48 -17.50 -16.95
C ASP A 156 20.96 -16.08 -17.22
N ASP A 157 20.03 -15.13 -17.25
CA ASP A 157 20.43 -13.73 -17.48
C ASP A 157 21.33 -13.18 -16.39
N VAL A 158 21.05 -13.57 -15.13
CA VAL A 158 21.86 -13.15 -14.02
C VAL A 158 23.29 -13.77 -14.18
N TRP A 159 23.37 -15.03 -14.63
CA TRP A 159 24.66 -15.75 -14.74
C TRP A 159 25.53 -15.08 -15.81
N LYS A 160 24.93 -14.35 -16.75
CA LYS A 160 25.76 -13.70 -17.75
C LYS A 160 26.02 -12.22 -17.50
N LEU A 161 25.46 -11.65 -16.42
CA LEU A 161 25.54 -10.20 -16.25
C LEU A 161 26.88 -9.80 -15.65
N THR A 162 27.49 -8.73 -16.17
CA THR A 162 28.63 -8.14 -15.48
C THR A 162 28.32 -6.68 -15.23
N VAL A 163 28.73 -6.21 -14.06
CA VAL A 163 28.41 -4.84 -13.66
C VAL A 163 29.70 -4.13 -13.25
N LYS A 164 29.63 -2.82 -13.12
CA LYS A 164 30.84 -2.01 -12.83
C LYS A 164 31.32 -2.08 -11.41
N ASN A 165 30.39 -2.09 -10.46
CA ASN A 165 30.75 -2.16 -9.04
C ASN A 165 29.72 -2.93 -8.22
N GLU A 166 30.04 -4.18 -7.90
CA GLU A 166 29.06 -5.03 -7.33
C GLU A 166 28.90 -4.83 -5.85
N GLU A 167 29.72 -3.94 -5.28
CA GLU A 167 29.59 -3.62 -3.83
C GLU A 167 28.48 -2.59 -3.65
N LYS A 168 28.02 -1.95 -4.74
CA LYS A 168 27.00 -0.87 -4.67
C LYS A 168 25.96 -1.17 -5.75
N LEU A 169 25.02 -2.05 -5.40
CA LEU A 169 24.14 -2.64 -6.40
C LEU A 169 22.81 -2.88 -5.77
N SER A 170 21.74 -2.49 -6.46
CA SER A 170 20.43 -2.78 -5.94
C SER A 170 19.53 -3.40 -7.00
N PHE A 171 18.44 -3.99 -6.55
CA PHE A 171 17.48 -4.61 -7.43
C PHE A 171 16.05 -4.18 -7.14
N MET A 172 15.26 -4.30 -8.21
CA MET A 172 13.81 -3.89 -8.24
C MET A 172 13.11 -4.91 -9.12
N THR A 173 11.78 -4.94 -9.06
CA THR A 173 11.07 -5.88 -9.94
C THR A 173 9.84 -5.22 -10.58
N GLN A 174 9.44 -5.75 -11.72
CA GLN A 174 8.11 -5.43 -12.26
C GLN A 174 7.05 -5.96 -11.32
N THR A 175 5.87 -5.30 -11.40
CA THR A 175 4.84 -5.54 -10.39
C THR A 175 4.00 -6.77 -10.68
N THR A 176 3.96 -7.24 -11.94
CA THR A 176 3.00 -8.24 -12.39
C THR A 176 3.70 -9.54 -12.85
N LEU A 177 4.80 -9.91 -12.18
CA LEU A 177 5.52 -11.17 -12.45
C LEU A 177 4.92 -12.34 -11.74
N SER A 178 5.39 -13.52 -12.16
CA SER A 178 5.26 -14.74 -11.37
C SER A 178 6.03 -14.64 -10.07
N VAL A 179 5.34 -14.79 -8.93
CA VAL A 179 6.03 -14.72 -7.61
C VAL A 179 7.12 -15.82 -7.58
N ASP A 180 6.76 -17.05 -7.96
CA ASP A 180 7.69 -18.18 -7.92
C ASP A 180 8.90 -17.97 -8.85
N ASP A 181 8.65 -17.60 -10.13
CA ASP A 181 9.82 -17.44 -11.02
C ASP A 181 10.71 -16.27 -10.57
N THR A 182 10.11 -15.20 -10.04
CA THR A 182 10.90 -14.08 -9.58
C THR A 182 11.78 -14.47 -8.41
N SER A 183 11.25 -15.30 -7.54
CA SER A 183 11.99 -15.78 -6.35
C SER A 183 13.23 -16.53 -6.80
N ASP A 184 13.10 -17.29 -7.90
CA ASP A 184 14.32 -18.02 -8.41
C ASP A 184 15.35 -16.98 -8.98
N VAL A 185 14.85 -15.90 -9.60
CA VAL A 185 15.82 -14.86 -10.09
C VAL A 185 16.55 -14.16 -8.95
N ILE A 186 15.82 -13.81 -7.91
CA ILE A 186 16.38 -13.12 -6.73
C ILE A 186 17.42 -14.07 -6.05
N ASP A 187 17.09 -15.36 -5.93
CA ASP A 187 18.06 -16.35 -5.38
C ASP A 187 19.35 -16.33 -6.19
N ALA A 188 19.26 -16.29 -7.52
CA ALA A 188 20.44 -16.18 -8.34
C ALA A 188 21.20 -14.87 -8.12
N LEU A 189 20.48 -13.75 -8.17
CA LEU A 189 21.08 -12.41 -7.87
C LEU A 189 21.88 -12.39 -6.58
N ARG A 190 21.30 -12.98 -5.54
CA ARG A 190 22.00 -13.01 -4.25
C ARG A 190 23.20 -13.91 -4.22
N LYS A 191 23.16 -15.01 -4.95
CA LYS A 191 24.33 -15.92 -5.03
C LYS A 191 25.44 -15.22 -5.82
N ARG A 192 25.04 -14.52 -6.89
CA ARG A 192 26.01 -13.95 -7.82
C ARG A 192 26.57 -12.66 -7.21
N PHE A 193 25.71 -11.92 -6.49
CA PHE A 193 26.03 -10.56 -6.00
C PHE A 193 25.69 -10.45 -4.53
N PRO A 194 26.52 -11.05 -3.66
CA PRO A 194 26.10 -11.17 -2.25
C PRO A 194 25.80 -9.84 -1.53
N LYS A 195 26.34 -8.71 -2.02
CA LYS A 195 26.13 -7.40 -1.39
C LYS A 195 24.91 -6.64 -1.91
N ILE A 196 24.21 -7.23 -2.87
CA ILE A 196 23.04 -6.61 -3.55
C ILE A 196 21.96 -6.30 -2.49
N VAL A 197 21.32 -5.14 -2.64
CA VAL A 197 20.31 -4.57 -1.76
C VAL A 197 18.98 -4.56 -2.50
N GLY A 198 17.92 -4.96 -1.81
CA GLY A 198 16.60 -4.91 -2.42
C GLY A 198 15.51 -4.81 -1.36
N PRO A 199 14.27 -5.01 -1.76
CA PRO A 199 13.13 -5.07 -0.83
C PRO A 199 13.23 -6.42 -0.17
N ARG A 200 12.40 -6.69 0.83
CA ARG A 200 12.51 -7.97 1.54
C ARG A 200 12.38 -9.18 0.58
N LYS A 201 11.49 -9.07 -0.39
CA LYS A 201 11.14 -10.20 -1.28
C LYS A 201 11.19 -9.60 -2.70
N ASP A 202 10.14 -8.91 -3.13
CA ASP A 202 10.20 -8.32 -4.52
C ASP A 202 9.28 -7.05 -4.54
N ASP A 203 9.04 -6.48 -5.71
CA ASP A 203 8.10 -5.36 -5.89
C ASP A 203 6.80 -5.86 -6.50
N ILE A 204 6.59 -7.19 -6.52
CA ILE A 204 5.35 -7.75 -6.99
C ILE A 204 4.21 -7.24 -6.12
N CYS A 205 3.18 -6.71 -6.73
CA CYS A 205 2.10 -6.05 -5.89
C CYS A 205 1.14 -7.05 -5.24
N TYR A 206 0.41 -6.51 -4.25
CA TYR A 206 -0.58 -7.31 -3.54
C TYR A 206 -1.56 -7.99 -4.51
N ALA A 207 -1.99 -7.30 -5.58
CA ALA A 207 -3.02 -7.90 -6.45
C ALA A 207 -2.44 -9.07 -7.22
N THR A 208 -1.18 -8.95 -7.68
CA THR A 208 -0.56 -10.06 -8.47
C THR A 208 -0.34 -11.24 -7.52
N THR A 209 0.24 -10.98 -6.37
CA THR A 209 0.44 -12.05 -5.37
C THR A 209 -0.88 -12.76 -5.02
N ASN A 210 -1.91 -11.93 -4.79
CA ASN A 210 -3.17 -12.51 -4.35
C ASN A 210 -3.87 -13.30 -5.44
N ARG A 211 -3.78 -12.85 -6.70
CA ARG A 211 -4.51 -13.62 -7.73
C ARG A 211 -3.74 -14.92 -8.09
N GLN A 212 -2.41 -14.93 -7.91
CA GLN A 212 -1.64 -16.17 -8.10
C GLN A 212 -1.99 -17.19 -7.02
N GLU A 213 -2.10 -16.69 -5.80
CA GLU A 213 -2.50 -17.60 -4.67
C GLU A 213 -3.88 -18.11 -4.96
N ALA A 214 -4.77 -17.22 -5.39
CA ALA A 214 -6.17 -17.65 -5.68
C ALA A 214 -6.27 -18.64 -6.84
N VAL A 215 -5.47 -18.46 -7.90
CA VAL A 215 -5.58 -19.43 -9.00
C VAL A 215 -4.93 -20.76 -8.66
N ARG A 216 -3.93 -20.74 -7.75
CA ARG A 216 -3.39 -22.00 -7.22
C ARG A 216 -4.51 -22.84 -6.55
N ALA A 217 -5.26 -22.18 -5.67
CA ALA A 217 -6.36 -22.81 -4.94
C ALA A 217 -7.45 -23.32 -5.92
N LEU A 218 -7.79 -22.50 -6.93
CA LEU A 218 -8.73 -22.86 -8.01
C LEU A 218 -8.27 -24.10 -8.78
N ALA A 219 -6.96 -24.14 -9.17
CA ALA A 219 -6.46 -25.22 -10.01
C ALA A 219 -6.40 -26.51 -9.23
N GLU A 220 -6.38 -26.40 -7.90
CA GLU A 220 -6.34 -27.60 -7.07
C GLU A 220 -7.66 -28.35 -7.18
N GLN A 221 -8.75 -27.64 -7.45
CA GLN A 221 -10.09 -28.20 -7.54
C GLN A 221 -10.56 -28.46 -8.97
N ALA A 222 -10.21 -27.54 -9.85
CA ALA A 222 -10.72 -27.54 -11.23
C ALA A 222 -9.84 -28.32 -12.17
N GLU A 223 -10.49 -29.01 -13.14
CA GLU A 223 -9.82 -29.69 -14.23
C GLU A 223 -9.29 -28.75 -15.32
N VAL A 224 -10.05 -27.69 -15.64
CA VAL A 224 -9.76 -26.74 -16.70
C VAL A 224 -9.94 -25.39 -16.07
N VAL A 225 -9.02 -24.46 -16.32
CA VAL A 225 -9.12 -23.10 -15.79
C VAL A 225 -9.22 -22.13 -16.96
N LEU A 226 -10.23 -21.26 -16.95
CA LEU A 226 -10.30 -20.18 -17.91
C LEU A 226 -9.85 -18.90 -17.23
N VAL A 227 -8.90 -18.20 -17.84
CA VAL A 227 -8.50 -16.91 -17.28
C VAL A 227 -8.99 -15.81 -18.20
N VAL A 228 -9.83 -14.91 -17.69
CA VAL A 228 -10.32 -13.79 -18.50
C VAL A 228 -9.25 -12.70 -18.50
N GLY A 229 -8.74 -12.40 -19.66
CA GLY A 229 -7.68 -11.42 -19.78
C GLY A 229 -7.18 -11.35 -21.19
N SER A 230 -6.57 -10.23 -21.56
CA SER A 230 -6.04 -10.06 -22.93
C SER A 230 -4.66 -10.68 -23.16
N LYS A 231 -4.25 -10.90 -24.40
CA LYS A 231 -2.98 -11.65 -24.67
C LYS A 231 -1.76 -10.88 -24.18
N ASN A 232 -1.86 -9.56 -24.13
CA ASN A 232 -0.74 -8.72 -23.75
C ASN A 232 -0.76 -8.33 -22.29
N SER A 233 -1.65 -9.01 -21.52
CA SER A 233 -1.65 -8.71 -20.04
C SER A 233 -0.67 -9.66 -19.33
N SER A 234 0.44 -9.13 -18.84
CA SER A 234 1.37 -9.97 -18.14
C SER A 234 0.70 -10.73 -16.97
N ASN A 235 0.03 -10.00 -16.07
CA ASN A 235 -0.43 -10.69 -14.87
C ASN A 235 -1.48 -11.78 -15.31
N SER A 236 -2.29 -11.57 -16.37
CA SER A 236 -3.28 -12.59 -16.74
C SER A 236 -2.58 -13.86 -17.30
N ASN A 237 -1.51 -13.66 -18.06
CA ASN A 237 -0.72 -14.72 -18.58
C ASN A 237 -0.08 -15.52 -17.43
N ARG A 238 0.34 -14.84 -16.35
CA ARG A 238 0.94 -15.55 -15.25
C ARG A 238 -0.09 -16.47 -14.58
N LEU A 239 -1.36 -16.07 -14.56
CA LEU A 239 -2.38 -16.93 -13.89
C LEU A 239 -2.60 -18.21 -14.72
N ALA A 240 -2.71 -18.08 -16.04
CA ALA A 240 -2.85 -19.25 -16.91
C ALA A 240 -1.67 -20.19 -16.78
N GLU A 241 -0.48 -19.60 -16.80
CA GLU A 241 0.80 -20.37 -16.71
C GLU A 241 0.82 -21.14 -15.40
N LEU A 242 0.44 -20.52 -14.29
CA LEU A 242 0.44 -21.17 -12.98
C LEU A 242 -0.43 -22.40 -13.02
N ALA A 243 -1.65 -22.24 -13.53
CA ALA A 243 -2.53 -23.42 -13.68
C ALA A 243 -1.99 -24.53 -14.62
N GLN A 244 -1.34 -24.14 -15.73
CA GLN A 244 -0.79 -25.08 -16.66
C GLN A 244 0.32 -25.87 -15.98
N ARG A 245 1.16 -25.19 -15.16
CA ARG A 245 2.25 -25.88 -14.49
C ARG A 245 1.77 -26.86 -13.39
N MET A 246 0.50 -26.71 -12.98
CA MET A 246 -0.10 -27.65 -12.06
C MET A 246 -0.77 -28.77 -12.85
N GLY A 247 -0.59 -28.75 -14.18
CA GLY A 247 -1.07 -29.87 -15.02
C GLY A 247 -2.54 -29.74 -15.44
N LYS A 248 -3.13 -28.56 -15.28
CA LYS A 248 -4.51 -28.32 -15.76
C LYS A 248 -4.48 -27.65 -17.15
N ARG A 249 -5.39 -27.99 -18.02
CA ARG A 249 -5.52 -27.21 -19.26
C ARG A 249 -6.04 -25.84 -18.85
N ALA A 250 -5.33 -24.82 -19.28
CA ALA A 250 -5.74 -23.42 -18.98
C ALA A 250 -5.71 -22.58 -20.22
N PHE A 251 -6.71 -21.69 -20.36
CA PHE A 251 -6.86 -20.89 -21.50
C PHE A 251 -7.04 -19.45 -21.10
N LEU A 252 -6.28 -18.58 -21.78
CA LEU A 252 -6.41 -17.15 -21.66
C LEU A 252 -7.39 -16.65 -22.72
N ILE A 253 -8.49 -16.05 -22.26
CA ILE A 253 -9.59 -15.67 -23.16
C ILE A 253 -10.02 -14.25 -22.95
N ASP A 254 -10.43 -13.58 -24.02
CA ASP A 254 -10.87 -12.23 -23.89
C ASP A 254 -12.29 -12.16 -23.44
N ASP A 255 -13.07 -13.09 -23.95
CA ASP A 255 -14.47 -13.10 -23.64
C ASP A 255 -15.12 -14.45 -23.94
N ALA A 256 -16.43 -14.50 -23.74
CA ALA A 256 -17.10 -15.76 -23.82
C ALA A 256 -17.10 -16.38 -25.22
N LYS A 257 -17.01 -15.55 -26.26
CA LYS A 257 -16.98 -16.03 -27.64
C LYS A 257 -15.74 -16.91 -27.88
N ASP A 258 -14.67 -16.75 -27.07
CA ASP A 258 -13.44 -17.49 -27.26
C ASP A 258 -13.53 -18.95 -26.79
N ILE A 259 -14.57 -19.33 -26.03
CA ILE A 259 -14.61 -20.61 -25.35
C ILE A 259 -14.94 -21.63 -26.44
N GLN A 260 -14.07 -22.61 -26.54
CA GLN A 260 -14.31 -23.71 -27.47
C GLN A 260 -14.98 -24.89 -26.74
N GLU A 261 -16.08 -25.41 -27.27
CA GLU A 261 -16.81 -26.40 -26.54
C GLU A 261 -15.95 -27.62 -26.09
N GLU A 262 -14.99 -28.01 -26.96
CA GLU A 262 -14.14 -29.19 -26.70
C GLU A 262 -13.38 -29.02 -25.35
N TRP A 263 -13.08 -27.77 -24.99
CA TRP A 263 -12.27 -27.54 -23.80
C TRP A 263 -13.00 -27.96 -22.55
N VAL A 264 -14.34 -27.95 -22.58
CA VAL A 264 -15.09 -28.31 -21.39
C VAL A 264 -16.00 -29.56 -21.55
N LYS A 265 -16.00 -30.18 -22.72
CA LYS A 265 -16.78 -31.41 -22.96
C LYS A 265 -16.43 -32.50 -21.91
N GLU A 266 -17.40 -32.97 -21.13
CA GLU A 266 -17.04 -34.12 -20.25
C GLU A 266 -16.20 -33.67 -19.04
N VAL A 267 -16.10 -32.35 -18.80
CA VAL A 267 -15.32 -31.84 -17.68
C VAL A 267 -16.28 -31.70 -16.53
N LYS A 268 -15.90 -32.16 -15.35
CA LYS A 268 -16.84 -32.12 -14.20
C LYS A 268 -16.65 -30.84 -13.38
N CYS A 269 -15.49 -30.23 -13.45
CA CYS A 269 -15.27 -29.03 -12.68
C CYS A 269 -14.44 -28.06 -13.49
N VAL A 270 -15.00 -26.88 -13.78
CA VAL A 270 -14.28 -25.84 -14.61
C VAL A 270 -14.06 -24.63 -13.69
N GLY A 271 -12.87 -24.02 -13.72
CA GLY A 271 -12.60 -22.90 -12.80
C GLY A 271 -12.47 -21.65 -13.65
N VAL A 272 -12.92 -20.49 -13.13
CA VAL A 272 -12.76 -19.25 -13.92
C VAL A 272 -12.09 -18.25 -12.99
N THR A 273 -11.15 -17.52 -13.55
CA THR A 273 -10.59 -16.37 -12.83
C THR A 273 -10.43 -15.24 -13.88
N ALA A 274 -9.87 -14.10 -13.44
CA ALA A 274 -9.70 -12.96 -14.32
C ALA A 274 -8.50 -12.23 -13.87
N GLY A 275 -7.77 -11.69 -14.83
CA GLY A 275 -6.58 -10.86 -14.51
C GLY A 275 -7.01 -9.52 -13.88
N ALA A 276 -6.01 -8.76 -13.44
CA ALA A 276 -6.30 -7.51 -12.73
C ALA A 276 -6.82 -6.41 -13.66
N SER A 277 -6.71 -6.62 -14.98
CA SER A 277 -7.23 -5.60 -15.97
C SER A 277 -8.59 -6.00 -16.61
N ALA A 278 -9.19 -7.13 -16.14
CA ALA A 278 -10.44 -7.64 -16.78
C ALA A 278 -11.70 -7.26 -15.99
N PRO A 279 -12.66 -6.59 -16.62
CA PRO A 279 -13.91 -6.20 -15.90
C PRO A 279 -14.82 -7.37 -15.64
N ASP A 280 -15.51 -7.25 -14.53
CA ASP A 280 -16.40 -8.30 -14.08
C ASP A 280 -17.48 -8.67 -15.06
N ILE A 281 -17.93 -7.70 -15.88
CA ILE A 281 -18.96 -8.07 -16.90
C ILE A 281 -18.48 -9.20 -17.83
N LEU A 282 -17.16 -9.25 -18.10
CA LEU A 282 -16.62 -10.32 -18.97
C LEU A 282 -16.73 -11.69 -18.30
N VAL A 283 -16.44 -11.71 -16.98
CA VAL A 283 -16.55 -12.96 -16.19
C VAL A 283 -18.01 -13.40 -16.18
N GLN A 284 -18.93 -12.43 -15.99
CA GLN A 284 -20.40 -12.76 -15.96
C GLN A 284 -20.81 -13.42 -17.28
N ASN A 285 -20.33 -12.89 -18.40
CA ASN A 285 -20.67 -13.49 -19.69
C ASN A 285 -19.99 -14.81 -19.94
N VAL A 286 -18.77 -14.97 -19.42
CA VAL A 286 -18.16 -16.29 -19.46
C VAL A 286 -18.96 -17.34 -18.68
N VAL A 287 -19.37 -17.01 -17.47
CA VAL A 287 -20.18 -17.90 -16.65
C VAL A 287 -21.50 -18.23 -17.41
N ALA A 288 -22.13 -17.24 -18.05
CA ALA A 288 -23.40 -17.51 -18.77
C ALA A 288 -23.13 -18.54 -19.86
N ARG A 289 -22.01 -18.37 -20.58
CA ARG A 289 -21.70 -19.29 -21.66
C ARG A 289 -21.40 -20.68 -21.12
N LEU A 290 -20.62 -20.78 -20.03
CA LEU A 290 -20.37 -22.11 -19.43
C LEU A 290 -21.69 -22.81 -18.98
N GLN A 291 -22.69 -22.02 -18.57
CA GLN A 291 -23.98 -22.54 -18.18
C GLN A 291 -24.73 -23.06 -19.42
N GLN A 292 -24.60 -22.38 -20.56
CA GLN A 292 -25.18 -22.94 -21.83
C GLN A 292 -24.52 -24.28 -22.10
N LEU A 293 -23.23 -24.41 -21.74
CA LEU A 293 -22.51 -25.65 -22.02
C LEU A 293 -22.60 -26.66 -20.89
N GLY A 294 -23.59 -26.50 -20.01
CA GLY A 294 -23.86 -27.55 -19.06
C GLY A 294 -23.54 -27.17 -17.64
N GLY A 295 -22.86 -26.04 -17.44
CA GLY A 295 -22.52 -25.64 -16.07
C GLY A 295 -23.71 -25.27 -15.19
N GLY A 296 -23.57 -25.51 -13.86
CA GLY A 296 -24.56 -25.01 -12.84
C GLY A 296 -24.29 -23.60 -12.28
N GLU A 297 -24.84 -23.28 -11.11
CA GLU A 297 -24.59 -21.99 -10.46
C GLU A 297 -23.11 -21.83 -10.18
N ALA A 298 -22.57 -20.64 -10.46
CA ALA A 298 -21.14 -20.35 -10.22
C ALA A 298 -20.93 -20.29 -8.73
N ILE A 299 -19.90 -20.97 -8.23
CA ILE A 299 -19.64 -21.01 -6.80
C ILE A 299 -18.35 -20.24 -6.55
N PRO A 300 -18.40 -19.13 -5.80
CA PRO A 300 -17.13 -18.49 -5.50
C PRO A 300 -16.32 -19.26 -4.41
N LEU A 301 -15.02 -19.36 -4.61
CA LEU A 301 -14.18 -19.92 -3.56
C LEU A 301 -13.94 -18.88 -2.48
N GLU A 302 -13.72 -19.34 -1.26
CA GLU A 302 -13.29 -18.47 -0.18
C GLU A 302 -11.96 -17.89 -0.49
N GLY A 303 -11.77 -16.61 -0.21
CA GLY A 303 -10.48 -15.97 -0.57
C GLY A 303 -9.99 -14.92 0.36
N ARG A 304 -8.74 -14.55 0.17
CA ARG A 304 -8.16 -13.48 0.91
C ARG A 304 -8.92 -12.17 0.57
N GLU A 305 -9.31 -11.38 1.57
CA GLU A 305 -10.16 -10.21 1.32
C GLU A 305 -9.19 -9.13 0.88
N GLU A 306 -9.60 -8.33 -0.10
CA GLU A 306 -8.82 -7.12 -0.53
C GLU A 306 -9.56 -5.89 -0.10
N ASN A 307 -8.85 -4.88 0.39
CA ASN A 307 -9.53 -3.69 0.81
C ASN A 307 -8.89 -2.38 0.30
N ILE A 308 -7.85 -2.42 -0.56
CA ILE A 308 -7.20 -1.14 -0.96
C ILE A 308 -7.95 -0.50 -2.13
N VAL A 309 -8.14 0.80 -2.02
CA VAL A 309 -8.65 1.60 -3.10
C VAL A 309 -7.62 2.76 -3.32
N PHE A 310 -7.36 3.13 -4.58
CA PHE A 310 -6.58 4.34 -4.89
C PHE A 310 -7.51 5.35 -5.54
N GLU A 311 -7.63 6.51 -4.91
CA GLU A 311 -8.58 7.57 -5.44
C GLU A 311 -8.05 8.25 -6.71
N VAL A 312 -8.95 8.74 -7.54
CA VAL A 312 -8.56 9.58 -8.69
C VAL A 312 -8.00 10.86 -8.15
N PRO A 313 -7.14 11.54 -8.92
CA PRO A 313 -6.64 12.83 -8.42
C PRO A 313 -7.79 13.85 -8.28
N LYS A 314 -7.61 14.78 -7.36
CA LYS A 314 -8.73 15.68 -7.00
C LYS A 314 -9.15 16.48 -8.23
N GLU A 315 -8.19 16.84 -9.06
CA GLU A 315 -8.46 17.54 -10.31
C GLU A 315 -9.47 16.85 -11.20
N LEU A 316 -9.66 15.53 -11.02
CA LEU A 316 -10.53 14.73 -11.88
C LEU A 316 -11.77 14.13 -11.20
N ARG A 317 -12.16 14.65 -10.03
CA ARG A 317 -13.40 14.22 -9.36
C ARG A 317 -14.63 14.63 -10.17
N MET B 9 -2.49 38.21 12.10
CA MET B 9 -1.90 36.83 12.20
C MET B 9 -2.40 35.89 11.08
N GLN B 10 -1.46 35.26 10.38
CA GLN B 10 -1.77 34.41 9.27
C GLN B 10 -1.80 32.99 9.80
N ILE B 11 -2.80 32.24 9.37
CA ILE B 11 -2.98 30.83 9.84
C ILE B 11 -2.65 29.95 8.67
N LEU B 12 -1.71 29.03 8.85
CA LEU B 12 -1.34 28.15 7.75
C LEU B 12 -1.72 26.71 8.15
N LEU B 13 -2.23 25.94 7.20
CA LEU B 13 -2.50 24.49 7.41
C LEU B 13 -1.53 23.58 6.67
N ALA B 14 -0.97 22.63 7.38
CA ALA B 14 -0.10 21.59 6.72
C ALA B 14 -0.96 20.67 5.81
N ASN B 15 -0.32 20.12 4.80
CA ASN B 15 -0.99 19.22 3.90
C ASN B 15 0.07 18.22 3.45
N PRO B 16 -0.11 16.93 3.74
CA PRO B 16 -1.31 16.35 4.43
C PRO B 16 -1.34 16.56 5.92
N ARG B 17 -2.50 16.36 6.55
CA ARG B 17 -2.63 16.41 8.00
C ARG B 17 -3.84 15.48 8.33
N GLY B 18 -4.01 15.09 9.61
CA GLY B 18 -5.25 14.44 10.05
C GLY B 18 -5.34 13.00 9.53
N PHE B 19 -6.54 12.46 9.44
CA PHE B 19 -6.74 11.03 9.29
C PHE B 19 -5.95 10.41 8.20
N CYS B 20 -5.31 9.31 8.54
CA CYS B 20 -4.78 8.43 7.51
C CYS B 20 -5.83 7.34 7.14
N ALA B 21 -5.42 6.45 6.22
CA ALA B 21 -6.36 5.46 5.72
C ALA B 21 -6.69 4.40 6.77
N GLY B 22 -5.70 4.00 7.55
CA GLY B 22 -5.94 2.94 8.54
C GLY B 22 -6.81 3.44 9.69
N VAL B 23 -6.63 4.70 10.09
CA VAL B 23 -7.46 5.28 11.23
C VAL B 23 -8.90 5.48 10.74
N ASP B 24 -9.07 5.97 9.53
CA ASP B 24 -10.42 6.20 9.05
C ASP B 24 -11.17 4.85 8.92
N ARG B 25 -10.47 3.82 8.43
CA ARG B 25 -11.08 2.49 8.39
C ARG B 25 -11.42 1.95 9.81
N ALA B 26 -10.52 2.11 10.78
CA ALA B 26 -10.72 1.50 12.13
C ALA B 26 -11.93 2.18 12.81
N ILE B 27 -12.02 3.51 12.72
CA ILE B 27 -13.17 4.22 13.29
C ILE B 27 -14.47 3.76 12.64
N SER B 28 -14.46 3.61 11.32
CA SER B 28 -15.66 3.23 10.60
C SER B 28 -16.06 1.80 10.98
N ILE B 29 -15.06 0.95 11.26
CA ILE B 29 -15.34 -0.40 11.77
C ILE B 29 -16.19 -0.35 13.06
N VAL B 30 -15.77 0.42 14.04
CA VAL B 30 -16.53 0.58 15.30
C VAL B 30 -17.86 1.26 15.03
N GLU B 31 -17.90 2.36 14.23
CA GLU B 31 -19.17 3.03 13.98
C GLU B 31 -20.17 2.07 13.31
N ASN B 32 -19.71 1.33 12.32
CA ASN B 32 -20.61 0.48 11.56
C ASN B 32 -21.05 -0.72 12.37
N ALA B 33 -20.15 -1.30 13.19
CA ALA B 33 -20.58 -2.40 14.11
C ALA B 33 -21.69 -1.89 14.98
N LEU B 34 -21.55 -0.66 15.47
CA LEU B 34 -22.57 -0.07 16.35
C LEU B 34 -23.92 0.10 15.61
N ALA B 35 -23.84 0.55 14.35
CA ALA B 35 -25.05 0.73 13.51
C ALA B 35 -25.67 -0.60 13.13
N ILE B 36 -24.89 -1.65 12.92
CA ILE B 36 -25.44 -2.91 12.47
C ILE B 36 -25.99 -3.79 13.62
N TYR B 37 -25.25 -3.83 14.70
CA TYR B 37 -25.51 -4.73 15.82
C TYR B 37 -26.08 -4.04 17.06
N GLY B 38 -26.05 -2.73 17.08
CA GLY B 38 -26.44 -1.91 18.21
C GLY B 38 -25.40 -1.94 19.36
N ALA B 39 -25.60 -1.09 20.36
CA ALA B 39 -24.76 -1.10 21.55
C ALA B 39 -25.13 -2.26 22.45
N PRO B 40 -24.14 -2.81 23.17
CA PRO B 40 -22.73 -2.45 23.27
C PRO B 40 -21.91 -3.15 22.22
N ILE B 41 -20.77 -2.53 21.87
CA ILE B 41 -19.72 -3.17 21.03
C ILE B 41 -18.48 -2.96 21.88
N TYR B 42 -17.76 -4.05 22.12
CA TYR B 42 -16.52 -3.99 22.92
C TYR B 42 -15.32 -3.78 22.06
N VAL B 43 -14.43 -2.90 22.52
CA VAL B 43 -13.21 -2.62 21.79
C VAL B 43 -12.03 -2.80 22.69
N ARG B 44 -11.06 -3.58 22.22
CA ARG B 44 -9.85 -3.82 23.06
C ARG B 44 -8.83 -2.68 22.95
N HIS B 45 -8.79 -1.91 24.05
CA HIS B 45 -8.04 -0.65 24.18
C HIS B 45 -8.51 0.44 23.25
N GLU B 46 -7.95 1.68 23.38
CA GLU B 46 -8.38 2.75 22.48
C GLU B 46 -8.27 2.35 21.01
N VAL B 47 -9.35 2.63 20.25
CA VAL B 47 -9.33 2.12 18.85
C VAL B 47 -8.19 2.82 18.05
N VAL B 48 -8.01 4.11 18.32
CA VAL B 48 -6.86 4.89 17.88
C VAL B 48 -6.58 5.80 19.07
N HIS B 49 -5.38 6.41 19.06
CA HIS B 49 -4.96 7.22 20.20
C HIS B 49 -5.44 8.64 20.10
N ASN B 50 -6.77 8.76 20.20
CA ASN B 50 -7.35 10.10 20.21
C ASN B 50 -8.50 10.18 21.18
N ARG B 51 -8.34 11.05 22.17
CA ARG B 51 -9.35 11.21 23.19
C ARG B 51 -10.77 11.55 22.65
N TYR B 52 -10.87 12.48 21.72
CA TYR B 52 -12.17 12.90 21.18
C TYR B 52 -12.81 11.70 20.44
N VAL B 53 -12.01 10.95 19.63
CA VAL B 53 -12.63 9.84 18.90
C VAL B 53 -13.15 8.79 19.88
N VAL B 54 -12.33 8.46 20.88
CA VAL B 54 -12.69 7.42 21.87
C VAL B 54 -13.90 7.87 22.68
N ASP B 55 -13.89 9.13 23.17
CA ASP B 55 -15.09 9.65 23.88
C ASP B 55 -16.34 9.61 23.01
N SER B 56 -16.20 9.89 21.71
CA SER B 56 -17.33 9.97 20.81
C SER B 56 -17.93 8.56 20.62
N LEU B 57 -17.05 7.58 20.49
CA LEU B 57 -17.51 6.20 20.34
C LEU B 57 -18.11 5.69 21.65
N ARG B 58 -17.55 6.05 22.80
CA ARG B 58 -18.12 5.64 24.06
C ARG B 58 -19.52 6.20 24.19
N GLU B 59 -19.72 7.45 23.79
CA GLU B 59 -21.05 8.09 23.90
C GLU B 59 -22.08 7.36 23.03
N ARG B 60 -21.62 6.67 21.96
CA ARG B 60 -22.52 5.89 21.11
C ARG B 60 -22.67 4.44 21.53
N GLY B 61 -22.01 4.06 22.62
CA GLY B 61 -22.23 2.70 23.13
C GLY B 61 -21.06 1.74 22.99
N ALA B 62 -19.90 2.23 22.51
CA ALA B 62 -18.67 1.38 22.51
C ALA B 62 -18.14 1.30 23.93
N ILE B 63 -17.77 0.09 24.40
CA ILE B 63 -17.16 -0.09 25.67
C ILE B 63 -15.68 -0.49 25.46
N PHE B 64 -14.77 0.36 25.91
CA PHE B 64 -13.33 0.12 25.82
C PHE B 64 -12.84 -0.67 27.03
N ILE B 65 -12.29 -1.87 26.75
CA ILE B 65 -11.84 -2.76 27.82
C ILE B 65 -10.32 -3.06 27.67
N GLU B 66 -9.70 -3.52 28.76
CA GLU B 66 -8.27 -3.79 28.71
C GLU B 66 -7.97 -5.25 28.35
N GLN B 67 -8.76 -6.19 28.88
CA GLN B 67 -8.48 -7.61 28.66
C GLN B 67 -9.74 -8.27 28.06
N ILE B 68 -9.54 -9.18 27.09
CA ILE B 68 -10.67 -9.95 26.49
C ILE B 68 -11.52 -10.73 27.51
N SER B 69 -10.91 -11.12 28.63
CA SER B 69 -11.71 -11.78 29.68
C SER B 69 -12.84 -10.85 30.27
N GLU B 70 -12.76 -9.53 30.04
CA GLU B 70 -13.82 -8.57 30.53
C GLU B 70 -15.05 -8.66 29.60
N VAL B 71 -14.89 -9.22 28.43
CA VAL B 71 -15.96 -9.22 27.42
C VAL B 71 -16.89 -10.42 27.62
N PRO B 72 -18.23 -10.21 27.69
CA PRO B 72 -19.12 -11.35 27.90
C PRO B 72 -19.27 -12.25 26.68
N ASP B 73 -19.49 -13.55 26.87
CA ASP B 73 -19.82 -14.40 25.72
C ASP B 73 -20.99 -13.84 24.87
N GLY B 74 -20.92 -14.06 23.57
CA GLY B 74 -21.96 -13.60 22.67
C GLY B 74 -21.77 -12.17 22.19
N ALA B 75 -20.76 -11.46 22.69
CA ALA B 75 -20.54 -10.07 22.29
C ALA B 75 -19.80 -9.96 20.95
N ILE B 76 -19.72 -8.71 20.48
CA ILE B 76 -18.88 -8.31 19.37
C ILE B 76 -17.67 -7.61 19.99
N LEU B 77 -16.47 -8.05 19.53
CA LEU B 77 -15.20 -7.47 20.04
C LEU B 77 -14.39 -6.96 18.84
N ILE B 78 -13.82 -5.78 18.99
CA ILE B 78 -13.04 -5.11 17.91
C ILE B 78 -11.58 -5.01 18.39
N PHE B 79 -10.62 -5.46 17.58
CA PHE B 79 -9.20 -5.22 17.92
C PHE B 79 -8.83 -3.86 17.45
N SER B 80 -8.02 -3.10 18.20
CA SER B 80 -7.69 -1.70 17.77
C SER B 80 -6.82 -1.57 16.57
N ALA B 81 -6.66 -0.35 16.08
CA ALA B 81 -5.96 -0.23 14.82
C ALA B 81 -4.47 -0.61 14.94
N HIS B 82 -3.92 -0.53 16.15
CA HIS B 82 -2.48 -0.74 16.45
C HIS B 82 -2.06 -2.16 16.36
N GLY B 83 -3.06 -3.05 16.34
CA GLY B 83 -2.84 -4.51 16.18
C GLY B 83 -2.66 -5.22 17.50
N VAL B 84 -2.63 -6.55 17.41
CA VAL B 84 -2.60 -7.41 18.62
C VAL B 84 -1.66 -8.54 18.47
N SER B 85 -1.20 -9.08 19.56
CA SER B 85 -0.34 -10.22 19.50
C SER B 85 -1.06 -11.50 19.10
N GLN B 86 -0.30 -12.54 18.74
CA GLN B 86 -0.91 -13.83 18.46
C GLN B 86 -1.58 -14.36 19.71
N ALA B 87 -1.01 -14.12 20.89
CA ALA B 87 -1.67 -14.62 22.13
C ALA B 87 -3.10 -14.04 22.26
N VAL B 88 -3.24 -12.75 21.98
CA VAL B 88 -4.53 -12.05 22.13
C VAL B 88 -5.45 -12.58 21.08
N ARG B 89 -4.98 -12.70 19.83
CA ARG B 89 -5.79 -13.19 18.77
C ARG B 89 -6.28 -14.61 19.07
N ASN B 90 -5.38 -15.51 19.49
CA ASN B 90 -5.82 -16.89 19.80
C ASN B 90 -6.79 -16.98 20.99
N GLU B 91 -6.57 -16.15 22.00
CA GLU B 91 -7.57 -16.08 23.06
C GLU B 91 -9.01 -15.70 22.58
N ALA B 92 -9.11 -14.67 21.75
CA ALA B 92 -10.40 -14.28 21.18
C ALA B 92 -10.98 -15.45 20.36
N LYS B 93 -10.14 -16.06 19.53
CA LYS B 93 -10.55 -17.26 18.73
C LYS B 93 -11.16 -18.39 19.55
N SER B 94 -10.68 -18.65 20.76
CA SER B 94 -11.19 -19.76 21.50
C SER B 94 -12.48 -19.35 22.25
N ARG B 95 -12.80 -18.05 22.28
CA ARG B 95 -14.01 -17.57 22.97
C ARG B 95 -15.24 -17.54 22.07
N ASP B 96 -16.41 -17.53 22.68
CA ASP B 96 -17.65 -17.45 21.90
C ASP B 96 -17.89 -15.95 21.69
N LEU B 97 -17.17 -15.37 20.73
CA LEU B 97 -17.21 -13.94 20.47
C LEU B 97 -17.20 -13.74 18.99
N THR B 98 -17.87 -12.68 18.53
CA THR B 98 -17.74 -12.27 17.11
C THR B 98 -16.63 -11.20 17.07
N VAL B 99 -15.59 -11.44 16.29
CA VAL B 99 -14.42 -10.58 16.29
C VAL B 99 -14.28 -9.83 14.98
N PHE B 100 -14.12 -8.49 15.04
CA PHE B 100 -13.71 -7.76 13.87
C PHE B 100 -12.34 -7.11 14.14
N ASP B 101 -11.49 -7.09 13.15
CA ASP B 101 -10.10 -6.69 13.36
C ASP B 101 -9.82 -5.35 12.70
N ALA B 102 -9.70 -4.28 13.45
CA ALA B 102 -9.45 -2.95 12.83
C ALA B 102 -7.98 -2.72 12.68
N THR B 103 -7.11 -3.74 12.93
CA THR B 103 -5.65 -3.51 12.66
C THR B 103 -5.38 -2.87 11.30
N CYS B 104 -4.59 -1.81 11.22
CA CYS B 104 -4.29 -1.26 9.92
C CYS B 104 -3.55 -2.33 9.04
N PRO B 105 -3.87 -2.41 7.72
CA PRO B 105 -3.16 -3.30 6.85
C PRO B 105 -1.64 -3.08 6.86
N LEU B 106 -1.19 -1.83 7.11
CA LEU B 106 0.25 -1.52 7.06
C LEU B 106 0.97 -1.95 8.34
N VAL B 107 0.18 -2.26 9.39
CA VAL B 107 0.72 -2.87 10.60
C VAL B 107 0.76 -4.38 10.37
N THR B 108 -0.35 -4.93 9.83
CA THR B 108 -0.40 -6.36 9.52
C THR B 108 0.76 -6.76 8.57
N LYS B 109 1.16 -5.85 7.65
CA LYS B 109 2.29 -6.10 6.74
C LYS B 109 3.57 -6.41 7.54
N VAL B 110 3.78 -5.65 8.63
CA VAL B 110 5.00 -5.86 9.42
C VAL B 110 4.84 -7.20 10.19
N HIS B 111 3.65 -7.44 10.71
CA HIS B 111 3.39 -8.69 11.44
C HIS B 111 3.78 -9.86 10.57
N MET B 112 3.40 -9.86 9.29
CA MET B 112 3.64 -11.05 8.46
C MET B 112 5.14 -11.35 8.33
N GLU B 113 5.95 -10.29 8.33
CA GLU B 113 7.41 -10.42 8.22
C GLU B 113 8.04 -10.95 9.50
N VAL B 114 7.45 -10.57 10.64
CA VAL B 114 7.95 -11.06 11.92
C VAL B 114 7.55 -12.55 12.04
N ALA B 115 6.35 -12.90 11.58
CA ALA B 115 5.89 -14.34 11.62
C ALA B 115 6.81 -15.18 10.74
N ARG B 116 7.24 -14.60 9.61
CA ARG B 116 8.11 -15.33 8.71
C ARG B 116 9.48 -15.59 9.37
N ALA B 117 10.03 -14.58 10.03
CA ALA B 117 11.31 -14.73 10.72
C ALA B 117 11.20 -15.78 11.86
N SER B 118 10.08 -15.75 12.58
CA SER B 118 9.76 -16.71 13.65
C SER B 118 9.74 -18.16 13.12
N ARG B 119 9.06 -18.40 12.00
CA ARG B 119 8.98 -19.73 11.38
C ARG B 119 10.39 -20.26 11.09
N ARG B 120 11.27 -19.36 10.65
CA ARG B 120 12.66 -19.72 10.27
C ARG B 120 13.57 -19.85 11.49
N GLY B 121 13.04 -19.52 12.66
CA GLY B 121 13.83 -19.40 13.91
C GLY B 121 15.00 -18.44 13.86
N GLU B 122 14.92 -17.44 12.98
CA GLU B 122 15.95 -16.44 12.84
C GLU B 122 15.58 -15.23 13.65
N GLU B 123 16.56 -14.66 14.35
CA GLU B 123 16.31 -13.52 15.26
C GLU B 123 15.89 -12.28 14.50
N SER B 124 15.02 -11.52 15.19
CA SER B 124 14.52 -10.26 14.63
C SER B 124 14.69 -9.13 15.62
N ILE B 125 14.90 -7.93 15.08
CA ILE B 125 15.06 -6.73 15.91
C ILE B 125 14.01 -5.75 15.45
N LEU B 126 13.18 -5.27 16.36
CA LEU B 126 12.17 -4.25 16.06
C LEU B 126 12.67 -2.91 16.56
N ILE B 127 12.59 -1.89 15.72
CA ILE B 127 12.81 -0.53 16.18
C ILE B 127 11.49 0.06 16.58
N GLY B 128 11.36 0.47 17.86
CA GLY B 128 10.11 1.09 18.25
C GLY B 128 10.15 1.45 19.71
N HIS B 129 9.00 1.90 20.23
CA HIS B 129 8.98 2.52 21.57
C HIS B 129 8.46 1.53 22.55
N ALA B 130 9.21 1.21 23.63
CA ALA B 130 8.69 0.31 24.68
C ALA B 130 7.32 0.74 25.16
N GLY B 131 6.43 -0.24 25.36
CA GLY B 131 5.12 0.06 25.93
C GLY B 131 4.06 0.49 24.93
N HIS B 132 4.46 0.81 23.68
CA HIS B 132 3.46 1.16 22.69
C HIS B 132 2.67 -0.11 22.25
N PRO B 133 1.34 -0.03 22.05
CA PRO B 133 0.54 -1.18 21.68
C PRO B 133 0.99 -1.80 20.35
N GLU B 134 1.47 -0.98 19.41
CA GLU B 134 1.87 -1.60 18.17
C GLU B 134 3.08 -2.49 18.39
N VAL B 135 4.00 -2.02 19.22
CA VAL B 135 5.21 -2.83 19.55
C VAL B 135 4.81 -4.13 20.28
N GLU B 136 3.85 -4.02 21.24
CA GLU B 136 3.36 -5.26 21.89
C GLU B 136 2.82 -6.20 20.82
N GLY B 137 1.99 -5.69 19.90
CA GLY B 137 1.40 -6.60 18.87
C GLY B 137 2.42 -7.22 17.93
N THR B 138 3.40 -6.41 17.50
CA THR B 138 4.41 -6.86 16.54
C THR B 138 5.40 -7.81 17.19
N MET B 139 5.94 -7.45 18.39
CA MET B 139 6.79 -8.44 19.14
C MET B 139 6.02 -9.75 19.35
N GLY B 140 4.70 -9.60 19.58
CA GLY B 140 3.77 -10.68 19.87
C GLY B 140 3.50 -11.59 18.68
N GLN B 141 4.12 -11.29 17.53
CA GLN B 141 4.06 -12.23 16.40
C GLN B 141 5.21 -13.23 16.42
N TYR B 142 6.21 -13.00 17.27
CA TYR B 142 7.40 -13.87 17.30
C TYR B 142 7.20 -14.94 18.38
N SER B 143 7.20 -16.23 18.04
CA SER B 143 7.01 -17.22 19.15
C SER B 143 8.14 -18.23 19.28
N ASN B 144 8.90 -18.44 18.20
CA ASN B 144 9.97 -19.47 18.16
C ASN B 144 11.02 -19.26 19.26
N PRO B 145 11.04 -20.14 20.28
CA PRO B 145 12.08 -20.03 21.30
C PRO B 145 13.50 -20.26 20.74
N GLU B 146 13.61 -20.89 19.58
CA GLU B 146 14.93 -21.14 19.00
C GLU B 146 15.62 -19.87 18.52
N GLY B 147 14.81 -18.85 18.21
CA GLY B 147 15.31 -17.57 17.78
C GLY B 147 15.29 -16.53 18.90
N GLY B 148 14.70 -15.38 18.61
CA GLY B 148 14.61 -14.28 19.59
C GLY B 148 14.07 -13.04 18.89
N MET B 149 13.53 -12.11 19.67
CA MET B 149 12.84 -10.90 19.19
C MET B 149 13.27 -9.81 20.14
N TYR B 150 14.00 -8.82 19.65
CA TYR B 150 14.62 -7.79 20.48
C TYR B 150 14.01 -6.45 20.11
N LEU B 151 13.95 -5.53 21.06
CA LEU B 151 13.45 -4.19 20.78
C LEU B 151 14.61 -3.23 21.00
N VAL B 152 14.82 -2.34 20.02
CA VAL B 152 15.81 -1.26 20.17
C VAL B 152 15.15 0.11 19.89
N GLU B 153 15.53 1.13 20.64
CA GLU B 153 14.92 2.46 20.45
C GLU B 153 15.92 3.51 19.96
N SER B 154 17.19 3.25 20.17
CA SER B 154 18.22 4.24 19.83
C SER B 154 19.49 3.51 19.31
N PRO B 155 20.41 4.27 18.71
CA PRO B 155 21.72 3.69 18.32
C PRO B 155 22.40 3.08 19.51
N ASP B 156 22.29 3.70 20.69
CA ASP B 156 22.92 3.06 21.85
C ASP B 156 22.41 1.69 22.14
N ASP B 157 21.10 1.49 22.04
CA ASP B 157 20.54 0.18 22.25
C ASP B 157 21.11 -0.82 21.27
N VAL B 158 21.40 -0.42 20.00
CA VAL B 158 21.97 -1.36 19.02
C VAL B 158 23.40 -1.71 19.46
N TRP B 159 24.15 -0.71 19.95
CA TRP B 159 25.56 -0.96 20.32
C TRP B 159 25.66 -1.90 21.48
N LYS B 160 24.64 -1.90 22.36
CA LYS B 160 24.67 -2.73 23.59
C LYS B 160 23.99 -4.13 23.44
N LEU B 161 23.32 -4.39 22.31
CA LEU B 161 22.52 -5.59 22.13
C LEU B 161 23.41 -6.85 21.88
N THR B 162 23.06 -7.94 22.56
CA THR B 162 23.65 -9.24 22.29
C THR B 162 22.59 -10.13 21.64
N VAL B 163 23.00 -10.80 20.57
CA VAL B 163 22.16 -11.67 19.76
C VAL B 163 22.85 -13.04 19.69
N LYS B 164 22.10 -14.09 19.33
CA LYS B 164 22.72 -15.45 19.36
C LYS B 164 23.45 -15.75 18.06
N ASN B 165 22.88 -15.28 16.96
CA ASN B 165 23.44 -15.58 15.64
C ASN B 165 23.31 -14.38 14.71
N GLU B 166 24.41 -13.65 14.61
CA GLU B 166 24.48 -12.41 13.83
C GLU B 166 24.40 -12.61 12.36
N GLU B 167 24.57 -13.86 11.91
CA GLU B 167 24.53 -14.12 10.48
C GLU B 167 23.12 -14.27 9.96
N LYS B 168 22.18 -14.54 10.87
CA LYS B 168 20.78 -14.67 10.46
C LYS B 168 19.92 -13.73 11.23
N LEU B 169 19.83 -12.53 10.73
CA LEU B 169 19.20 -11.43 11.53
C LEU B 169 18.33 -10.58 10.62
N SER B 170 17.13 -10.21 11.06
CA SER B 170 16.34 -9.28 10.28
C SER B 170 15.86 -8.13 11.17
N PHE B 171 15.42 -7.04 10.54
CA PHE B 171 14.82 -5.96 11.32
C PHE B 171 13.51 -5.51 10.74
N MET B 172 12.70 -4.94 11.63
CA MET B 172 11.43 -4.33 11.28
C MET B 172 11.30 -3.02 12.09
N THR B 173 10.32 -2.20 11.73
CA THR B 173 10.12 -0.99 12.56
C THR B 173 8.61 -0.75 12.80
N GLN B 174 8.38 -0.01 13.89
CA GLN B 174 7.08 0.59 14.13
C GLN B 174 6.72 1.56 12.99
N THR B 175 5.39 1.67 12.74
CA THR B 175 4.94 2.46 11.56
C THR B 175 4.91 3.98 11.80
N THR B 176 4.84 4.41 13.07
CA THR B 176 4.64 5.84 13.38
C THR B 176 5.86 6.55 14.03
N LEU B 177 7.06 6.08 13.69
CA LEU B 177 8.30 6.63 14.24
C LEU B 177 8.71 7.94 13.49
N SER B 178 9.65 8.66 14.08
CA SER B 178 10.41 9.71 13.37
C SER B 178 11.26 9.06 12.27
N VAL B 179 11.05 9.56 11.04
CA VAL B 179 11.79 9.04 9.91
C VAL B 179 13.26 9.26 10.19
N ASP B 180 13.60 10.49 10.59
CA ASP B 180 15.03 10.85 10.81
C ASP B 180 15.68 10.03 11.92
N ASP B 181 15.02 9.90 13.08
CA ASP B 181 15.62 9.14 14.16
C ASP B 181 15.74 7.68 13.88
N THR B 182 14.76 7.11 13.15
CA THR B 182 14.83 5.71 12.82
C THR B 182 16.02 5.46 11.81
N SER B 183 16.23 6.41 10.91
CA SER B 183 17.34 6.33 9.96
C SER B 183 18.65 6.14 10.71
N ASP B 184 18.80 6.90 11.84
CA ASP B 184 20.04 6.79 12.66
C ASP B 184 20.15 5.36 13.27
N VAL B 185 19.01 4.81 13.67
CA VAL B 185 19.03 3.49 14.33
C VAL B 185 19.40 2.44 13.26
N ILE B 186 18.85 2.59 12.06
CA ILE B 186 19.12 1.62 10.98
C ILE B 186 20.59 1.67 10.59
N ASP B 187 21.14 2.88 10.45
CA ASP B 187 22.59 3.04 10.17
C ASP B 187 23.39 2.31 11.19
N ALA B 188 23.01 2.40 12.45
CA ALA B 188 23.72 1.67 13.50
C ALA B 188 23.60 0.18 13.32
N LEU B 189 22.38 -0.29 13.08
CA LEU B 189 22.16 -1.74 12.88
C LEU B 189 23.01 -2.26 11.74
N ARG B 190 23.10 -1.50 10.65
CA ARG B 190 23.81 -2.05 9.48
C ARG B 190 25.31 -2.02 9.70
N LYS B 191 25.81 -1.04 10.48
CA LYS B 191 27.26 -1.03 10.80
C LYS B 191 27.62 -2.14 11.81
N ARG B 192 26.71 -2.41 12.74
CA ARG B 192 27.00 -3.39 13.84
C ARG B 192 26.79 -4.81 13.32
N PHE B 193 25.76 -4.98 12.48
CA PHE B 193 25.35 -6.31 11.95
C PHE B 193 25.29 -6.27 10.45
N PRO B 194 26.44 -6.39 9.79
CA PRO B 194 26.47 -6.13 8.31
C PRO B 194 25.60 -7.08 7.50
N LYS B 195 25.33 -8.27 8.05
CA LYS B 195 24.51 -9.27 7.36
C LYS B 195 23.00 -9.04 7.60
N ILE B 196 22.61 -8.06 8.38
CA ILE B 196 21.18 -7.86 8.71
C ILE B 196 20.39 -7.58 7.46
N VAL B 197 19.21 -8.16 7.42
CA VAL B 197 18.28 -7.94 6.28
C VAL B 197 17.04 -7.16 6.73
N GLY B 198 16.59 -6.22 5.90
CA GLY B 198 15.36 -5.48 6.24
C GLY B 198 14.69 -5.03 4.98
N PRO B 199 13.71 -4.13 5.13
CA PRO B 199 13.11 -3.51 3.92
C PRO B 199 14.12 -2.48 3.36
N ARG B 200 13.78 -1.80 2.26
CA ARG B 200 14.76 -0.89 1.64
C ARG B 200 15.17 0.18 2.70
N LYS B 201 14.19 0.72 3.41
CA LYS B 201 14.50 1.83 4.37
C LYS B 201 13.92 1.39 5.73
N ASP B 202 12.61 1.48 5.86
CA ASP B 202 11.98 1.14 7.14
C ASP B 202 10.55 0.74 6.90
N ASP B 203 9.79 0.49 7.98
CA ASP B 203 8.34 0.16 7.85
C ASP B 203 7.51 1.34 8.21
N ILE B 204 8.13 2.54 8.30
CA ILE B 204 7.33 3.75 8.56
C ILE B 204 6.35 3.99 7.41
N CYS B 205 5.07 4.20 7.74
CA CYS B 205 4.04 4.15 6.67
C CYS B 205 4.02 5.46 5.91
N TYR B 206 3.25 5.41 4.81
CA TYR B 206 3.23 6.62 3.95
C TYR B 206 2.67 7.81 4.72
N ALA B 207 1.70 7.57 5.62
CA ALA B 207 0.99 8.73 6.26
C ALA B 207 1.96 9.42 7.26
N THR B 208 2.78 8.60 7.93
CA THR B 208 3.76 9.13 8.91
C THR B 208 4.81 9.92 8.16
N THR B 209 5.39 9.35 7.11
CA THR B 209 6.40 10.02 6.29
C THR B 209 5.84 11.34 5.77
N ASN B 210 4.60 11.28 5.24
CA ASN B 210 4.02 12.46 4.61
C ASN B 210 3.71 13.56 5.59
N ARG B 211 3.19 13.18 6.76
CA ARG B 211 2.86 14.25 7.78
C ARG B 211 4.12 14.86 8.33
N GLN B 212 5.18 14.05 8.46
CA GLN B 212 6.48 14.67 8.82
C GLN B 212 7.04 15.62 7.74
N GLU B 213 7.01 15.19 6.50
CA GLU B 213 7.46 16.06 5.43
C GLU B 213 6.57 17.36 5.41
N ALA B 214 5.27 17.17 5.58
CA ALA B 214 4.37 18.37 5.67
C ALA B 214 4.61 19.31 6.84
N VAL B 215 4.87 18.77 8.01
CA VAL B 215 5.14 19.66 9.10
C VAL B 215 6.52 20.38 8.93
N ARG B 216 7.53 19.69 8.31
CA ARG B 216 8.77 20.39 7.93
C ARG B 216 8.49 21.66 7.09
N ALA B 217 7.62 21.53 6.11
CA ALA B 217 7.32 22.66 5.26
C ALA B 217 6.54 23.75 6.04
N LEU B 218 5.60 23.30 6.91
CA LEU B 218 4.80 24.23 7.71
C LEU B 218 5.74 24.98 8.63
N ALA B 219 6.67 24.25 9.24
CA ALA B 219 7.54 24.89 10.24
C ALA B 219 8.59 25.89 9.62
N GLU B 220 8.88 25.73 8.34
CA GLU B 220 9.74 26.68 7.63
C GLU B 220 9.06 28.03 7.65
N GLN B 221 7.73 28.03 7.60
CA GLN B 221 6.99 29.29 7.47
C GLN B 221 6.45 29.90 8.79
N ALA B 222 6.06 29.04 9.71
CA ALA B 222 5.26 29.39 10.89
C ALA B 222 6.19 29.59 12.09
N GLU B 223 5.86 30.55 12.96
CA GLU B 223 6.63 30.79 14.20
C GLU B 223 6.19 29.78 15.29
N VAL B 224 4.91 29.42 15.30
CA VAL B 224 4.28 28.54 16.33
C VAL B 224 3.56 27.47 15.57
N VAL B 225 3.66 26.22 16.01
CA VAL B 225 2.96 25.13 15.33
C VAL B 225 2.12 24.44 16.36
N LEU B 226 0.82 24.34 16.07
CA LEU B 226 -0.11 23.59 16.90
C LEU B 226 -0.29 22.27 16.21
N VAL B 227 -0.19 21.18 16.97
CA VAL B 227 -0.44 19.82 16.39
C VAL B 227 -1.61 19.27 17.17
N VAL B 228 -2.73 18.99 16.49
CA VAL B 228 -3.89 18.41 17.13
C VAL B 228 -3.61 16.93 17.26
N GLY B 229 -3.63 16.44 18.46
CA GLY B 229 -3.52 14.99 18.74
C GLY B 229 -3.39 14.80 20.24
N SER B 230 -3.58 13.55 20.69
CA SER B 230 -3.58 13.19 22.09
C SER B 230 -2.14 12.88 22.59
N LYS B 231 -1.94 12.88 23.92
CA LYS B 231 -0.58 12.80 24.45
C LYS B 231 0.00 11.41 24.18
N ASN B 232 -0.86 10.40 23.98
CA ASN B 232 -0.38 9.02 23.84
C ASN B 232 -0.33 8.63 22.36
N SER B 233 -0.50 9.64 21.51
CA SER B 233 -0.33 9.40 19.99
C SER B 233 1.12 9.56 19.60
N SER B 234 1.80 8.46 19.27
CA SER B 234 3.16 8.53 18.85
C SER B 234 3.34 9.49 17.63
N ASN B 235 2.57 9.24 16.56
CA ASN B 235 2.86 9.99 15.33
C ASN B 235 2.57 11.50 15.59
N SER B 236 1.61 11.79 16.47
CA SER B 236 1.28 13.25 16.80
C SER B 236 2.46 13.89 17.54
N ASN B 237 3.01 13.17 18.56
CA ASN B 237 4.24 13.63 19.19
C ASN B 237 5.41 13.84 18.23
N ARG B 238 5.56 12.97 17.23
CA ARG B 238 6.69 13.13 16.28
C ARG B 238 6.52 14.43 15.48
N LEU B 239 5.28 14.84 15.20
CA LEU B 239 5.08 16.10 14.47
C LEU B 239 5.47 17.29 15.31
N ALA B 240 5.06 17.30 16.59
CA ALA B 240 5.43 18.42 17.53
C ALA B 240 6.93 18.47 17.66
N GLU B 241 7.57 17.31 17.85
CA GLU B 241 9.03 17.30 18.04
C GLU B 241 9.76 17.81 16.84
N LEU B 242 9.29 17.47 15.62
CA LEU B 242 10.01 17.83 14.42
C LEU B 242 9.99 19.35 14.28
N ALA B 243 8.84 19.94 14.54
CA ALA B 243 8.76 21.42 14.47
C ALA B 243 9.63 22.12 15.55
N GLN B 244 9.68 21.55 16.73
CA GLN B 244 10.41 22.10 17.87
C GLN B 244 11.89 21.99 17.53
N ARG B 245 12.27 20.86 16.90
CA ARG B 245 13.62 20.63 16.50
C ARG B 245 14.10 21.61 15.45
N MET B 246 13.15 22.22 14.70
CA MET B 246 13.44 23.32 13.71
C MET B 246 13.49 24.71 14.32
N GLY B 247 13.38 24.77 15.66
CA GLY B 247 13.44 26.02 16.41
C GLY B 247 12.13 26.78 16.48
N LYS B 248 11.03 26.13 16.13
CA LYS B 248 9.69 26.78 16.27
C LYS B 248 9.04 26.35 17.59
N ARG B 249 8.20 27.18 18.16
CA ARG B 249 7.49 26.80 19.37
C ARG B 249 6.35 25.84 18.97
N ALA B 250 6.25 24.67 19.59
CA ALA B 250 5.26 23.66 19.13
C ALA B 250 4.47 23.16 20.32
N PHE B 251 3.17 22.91 20.12
CA PHE B 251 2.28 22.51 21.20
C PHE B 251 1.46 21.35 20.65
N LEU B 252 1.40 20.27 21.42
CA LEU B 252 0.46 19.20 21.16
C LEU B 252 -0.79 19.46 21.97
N ILE B 253 -1.93 19.54 21.29
CA ILE B 253 -3.20 19.93 21.94
C ILE B 253 -4.29 18.93 21.55
N ASP B 254 -5.18 18.57 22.51
CA ASP B 254 -6.30 17.75 22.08
C ASP B 254 -7.37 18.47 21.32
N ASP B 255 -7.58 19.74 21.67
CA ASP B 255 -8.62 20.54 21.03
C ASP B 255 -8.44 22.03 21.26
N ALA B 256 -9.31 22.79 20.64
CA ALA B 256 -9.18 24.27 20.71
C ALA B 256 -9.17 24.84 22.12
N LYS B 257 -9.85 24.18 23.06
CA LYS B 257 -9.90 24.63 24.45
C LYS B 257 -8.52 24.65 25.14
N ASP B 258 -7.58 23.79 24.70
CA ASP B 258 -6.24 23.77 25.27
C ASP B 258 -5.36 24.97 24.93
N ILE B 259 -5.73 25.71 23.88
CA ILE B 259 -4.88 26.81 23.41
C ILE B 259 -4.92 27.96 24.42
N GLN B 260 -3.75 28.43 24.82
CA GLN B 260 -3.59 29.52 25.73
C GLN B 260 -3.23 30.72 24.90
N GLU B 261 -3.93 31.82 25.17
CA GLU B 261 -3.61 33.10 24.42
C GLU B 261 -2.13 33.58 24.47
N GLU B 262 -1.45 33.40 25.62
CA GLU B 262 0.01 33.62 25.77
C GLU B 262 0.75 33.05 24.53
N TRP B 263 0.36 31.82 24.11
CA TRP B 263 1.06 31.10 23.02
C TRP B 263 1.12 31.85 21.73
N VAL B 264 0.07 32.62 21.41
CA VAL B 264 -0.02 33.24 20.08
C VAL B 264 0.01 34.79 20.10
N LYS B 265 0.06 35.37 21.29
CA LYS B 265 0.18 36.84 21.45
C LYS B 265 1.33 37.38 20.59
N GLU B 266 0.99 38.29 19.69
CA GLU B 266 1.95 38.95 18.79
C GLU B 266 2.70 38.06 17.78
N VAL B 267 2.23 36.82 17.60
CA VAL B 267 2.78 35.90 16.61
C VAL B 267 2.19 36.26 15.23
N LYS B 268 3.00 36.32 14.19
CA LYS B 268 2.51 36.79 12.88
C LYS B 268 2.12 35.64 11.95
N CYS B 269 2.61 34.45 12.25
CA CYS B 269 2.27 33.28 11.48
C CYS B 269 2.17 32.07 12.39
N VAL B 270 1.00 31.47 12.41
CA VAL B 270 0.79 30.25 13.27
C VAL B 270 0.40 29.16 12.29
N GLY B 271 0.97 27.98 12.49
CA GLY B 271 0.71 26.81 11.68
C GLY B 271 -0.05 25.81 12.44
N VAL B 272 -0.96 25.09 11.75
CA VAL B 272 -1.74 24.01 12.36
C VAL B 272 -1.54 22.74 11.55
N THR B 273 -1.31 21.64 12.27
CA THR B 273 -1.38 20.32 11.64
C THR B 273 -2.16 19.38 12.58
N ALA B 274 -2.26 18.09 12.20
CA ALA B 274 -2.99 17.17 13.00
C ALA B 274 -2.37 15.84 12.76
N GLY B 275 -2.22 15.05 13.82
CA GLY B 275 -1.78 13.67 13.77
C GLY B 275 -2.79 12.76 13.05
N ALA B 276 -2.33 11.59 12.67
CA ALA B 276 -3.12 10.70 11.80
C ALA B 276 -4.42 10.16 12.52
N SER B 277 -4.52 10.32 13.86
CA SER B 277 -5.70 9.84 14.62
C SER B 277 -6.65 11.05 15.00
N ALA B 278 -6.37 12.29 14.52
CA ALA B 278 -7.19 13.48 14.89
C ALA B 278 -8.23 13.81 13.83
N PRO B 279 -9.54 13.81 14.18
CA PRO B 279 -10.61 14.19 13.23
C PRO B 279 -10.51 15.66 12.74
N ASP B 280 -10.96 15.90 11.52
CA ASP B 280 -10.88 17.23 10.93
C ASP B 280 -11.72 18.27 11.67
N ILE B 281 -12.82 17.87 12.30
CA ILE B 281 -13.62 18.90 13.00
C ILE B 281 -12.76 19.57 14.10
N LEU B 282 -11.83 18.83 14.68
CA LEU B 282 -11.03 19.41 15.76
C LEU B 282 -10.11 20.48 15.16
N VAL B 283 -9.55 20.21 13.96
CA VAL B 283 -8.74 21.25 13.27
C VAL B 283 -9.61 22.49 12.97
N GLN B 284 -10.82 22.26 12.47
CA GLN B 284 -11.75 23.37 12.12
C GLN B 284 -11.99 24.25 13.34
N ASN B 285 -12.22 23.60 14.49
CA ASN B 285 -12.48 24.36 15.74
C ASN B 285 -11.22 25.11 16.22
N VAL B 286 -10.05 24.50 15.99
CA VAL B 286 -8.78 25.20 16.32
C VAL B 286 -8.63 26.47 15.51
N VAL B 287 -8.86 26.34 14.22
CA VAL B 287 -8.75 27.50 13.30
C VAL B 287 -9.73 28.61 13.73
N ALA B 288 -10.94 28.20 14.10
CA ALA B 288 -11.94 29.15 14.63
C ALA B 288 -11.47 29.87 15.91
N ARG B 289 -10.86 29.12 16.84
CA ARG B 289 -10.30 29.70 18.06
C ARG B 289 -9.17 30.67 17.71
N LEU B 290 -8.31 30.30 16.76
CA LEU B 290 -7.21 31.19 16.32
C LEU B 290 -7.72 32.46 15.65
N GLN B 291 -8.87 32.35 14.98
CA GLN B 291 -9.48 33.50 14.31
C GLN B 291 -10.08 34.44 15.36
N GLN B 292 -10.63 33.88 16.43
CA GLN B 292 -11.04 34.70 17.60
C GLN B 292 -9.88 35.48 18.16
N LEU B 293 -8.72 34.82 18.13
CA LEU B 293 -7.55 35.38 18.67
C LEU B 293 -6.82 36.23 17.61
N GLY B 294 -7.51 36.55 16.52
CA GLY B 294 -7.00 37.52 15.57
C GLY B 294 -6.44 36.97 14.27
N GLY B 295 -6.57 35.67 14.04
CA GLY B 295 -6.08 35.13 12.77
C GLY B 295 -6.99 35.38 11.60
N GLY B 296 -6.44 35.28 10.38
CA GLY B 296 -7.25 35.47 9.17
C GLY B 296 -7.79 34.15 8.64
N GLU B 297 -8.13 34.12 7.35
CA GLU B 297 -8.57 32.91 6.65
C GLU B 297 -7.47 31.92 6.75
N ALA B 298 -7.80 30.66 6.99
CA ALA B 298 -6.75 29.64 7.11
C ALA B 298 -6.26 29.33 5.71
N ILE B 299 -4.94 29.43 5.47
CA ILE B 299 -4.38 29.11 4.16
C ILE B 299 -3.81 27.68 4.18
N PRO B 300 -4.34 26.77 3.33
CA PRO B 300 -3.74 25.43 3.20
C PRO B 300 -2.43 25.50 2.38
N LEU B 301 -1.40 24.81 2.85
CA LEU B 301 -0.18 24.72 2.05
C LEU B 301 -0.36 23.67 0.93
N GLU B 302 0.39 23.82 -0.17
CA GLU B 302 0.33 22.86 -1.27
C GLU B 302 1.02 21.62 -0.74
N GLY B 303 0.53 20.42 -1.04
CA GLY B 303 1.15 19.26 -0.35
C GLY B 303 1.07 18.04 -1.22
N ARG B 304 1.80 17.02 -0.81
CA ARG B 304 1.81 15.77 -1.54
C ARG B 304 0.41 15.22 -1.42
N GLU B 305 -0.12 14.70 -2.51
CA GLU B 305 -1.47 14.21 -2.58
C GLU B 305 -1.49 12.81 -2.05
N GLU B 306 -2.49 12.51 -1.22
CA GLU B 306 -2.69 11.13 -0.75
C GLU B 306 -3.89 10.54 -1.45
N ASN B 307 -3.80 9.28 -1.85
CA ASN B 307 -4.97 8.67 -2.50
C ASN B 307 -5.33 7.29 -1.97
N ILE B 308 -4.66 6.82 -0.91
CA ILE B 308 -5.00 5.45 -0.48
C ILE B 308 -6.23 5.41 0.47
N VAL B 309 -7.09 4.44 0.25
CA VAL B 309 -8.20 4.18 1.13
C VAL B 309 -8.17 2.68 1.47
N PHE B 310 -8.43 2.31 2.74
CA PHE B 310 -8.66 0.92 3.08
C PHE B 310 -10.12 0.75 3.46
N GLU B 311 -10.81 -0.14 2.76
CA GLU B 311 -12.30 -0.32 3.01
C GLU B 311 -12.54 -1.18 4.25
N VAL B 312 -13.70 -0.95 4.88
CA VAL B 312 -14.15 -1.80 5.99
C VAL B 312 -14.43 -3.19 5.45
N PRO B 313 -14.38 -4.22 6.32
CA PRO B 313 -14.71 -5.58 5.85
C PRO B 313 -16.12 -5.55 5.29
N LYS B 314 -16.37 -6.34 4.25
CA LYS B 314 -17.71 -6.36 3.60
C LYS B 314 -18.84 -6.62 4.57
N GLU B 315 -18.62 -7.44 5.61
CA GLU B 315 -19.61 -7.73 6.65
C GLU B 315 -20.07 -6.46 7.36
N LEU B 316 -19.23 -5.40 7.38
CA LEU B 316 -19.59 -4.21 8.08
C LEU B 316 -20.01 -3.05 7.17
N ARG B 317 -20.30 -3.30 5.90
CA ARG B 317 -20.72 -2.20 5.05
C ARG B 317 -22.08 -1.67 5.49
N VAL B 318 -22.25 -0.35 5.49
CA VAL B 318 -23.57 0.27 5.78
C VAL B 318 -24.09 0.88 4.46
FE1 SF4 C . -2.86 -3.27 -10.33
FE2 SF4 C . -1.13 -1.42 -9.40
FE3 SF4 C . -0.47 -3.01 -11.43
FE4 SF4 C . -0.72 -4.04 -9.06
S1 SF4 C . 0.85 -2.48 -9.52
S2 SF4 C . -1.52 -5.00 -10.93
S3 SF4 C . -2.45 -2.80 -8.12
S4 SF4 C . -2.14 -1.48 -11.44
O12 0CM D . -0.24 -7.30 -16.23
P8 0CM D . 0.27 -6.13 -16.94
O13 0CM D . 0.48 -6.39 -18.43
O9 0CM D . 1.51 -5.59 -16.31
O7 0CM D . -0.85 -5.04 -16.89
P6 0CM D . -2.42 -5.08 -17.03
O10 0CM D . -2.93 -6.32 -17.70
O11 0CM D . -2.78 -3.80 -17.57
O5 0CM D . -2.98 -5.17 -15.59
C4 0CM D . -2.44 -4.72 -14.27
C3 0CM D . -1.77 -3.42 -14.47
C2 0CM D . -1.18 -2.34 -14.61
C1 0CM D . -0.49 -1.07 -14.73
FE1 SF4 E . -2.41 5.15 9.78
FE2 SF4 E . -1.94 2.60 9.06
FE3 SF4 E . -0.92 3.63 11.30
FE4 SF4 E . 0.01 4.43 9.04
S1 SF4 E . 0.19 2.28 9.68
S2 SF4 E . -0.48 5.82 10.80
S3 SF4 E . -1.90 4.42 7.68
S4 SF4 E . -3.13 3.37 10.87
O12 0CM F . 0.37 6.22 18.62
P8 0CM F . 0.31 6.05 17.14
O13 0CM F . 0.75 7.24 16.46
O9 0CM F . 1.09 4.79 16.74
O7 0CM F . -1.21 5.82 16.85
P6 0CM F . -2.47 6.71 16.64
O10 0CM F . -3.63 5.95 16.96
O11 0CM F . -2.27 8.06 17.22
O5 0CM F . -2.49 7.07 15.09
C4 0CM F . -2.06 6.29 13.92
C3 0CM F . -2.35 4.89 14.07
C2 0CM F . -2.56 3.67 14.20
C1 0CM F . -2.77 2.21 14.33
#